data_6VNU
#
_entry.id   6VNU
#
_cell.length_a   45.152
_cell.length_b   106.894
_cell.length_c   47.908
_cell.angle_alpha   90.000
_cell.angle_beta   101.680
_cell.angle_gamma   90.000
#
_symmetry.space_group_name_H-M   'P 1 21 1'
#
loop_
_entity.id
_entity.type
_entity.pdbx_description
1 polymer Beta-lactamase
2 non-polymer ruthenocene
3 non-polymer [(1,2,3,4,5-eta)-1-(4-{[carboxy(4-carboxy-5-methylidene-5,6-dihydro-2H-1,3-thiazin-2-yl)methyl]amino}-4-oxobutanoyl)cyclopentadienyl][(1,2,3,4,5-eta)-cyclopentadienyl]ruthenium
4 non-polymer 'POTASSIUM ION'
5 water water
#
_entity_poly.entity_id   1
_entity_poly.type   'polypeptide(L)'
_entity_poly.pdbx_seq_one_letter_code
;QTSAVQQKLAALEKSSGGRLGVALIDTADNTQVLYRGDERFPMCSTSKVMAAAAVLKQSETQKQLLNQPVEIKPADLVNY
NPIAEKHVNGTMTLAELSAAALQYSDNTAMNKLIAQLGGPGGVTAFARAIGDETFRLDRTAPTLNTAIPGDPRDTTTPRA
MAQTLRQLTLGHALGETQRAQLVTWLKGNTTGAASIRAGLPTSWTVGDKTGSGDYGTTNDIAVIWPQGRAPLVLVTYFTQ
PQQNAESRRDVLASAARIIAEGL
;
_entity_poly.pdbx_strand_id   A,B
#
loop_
_chem_comp.id
_chem_comp.type
_chem_comp.name
_chem_comp.formula
7G4 non-polymer ruthenocene 'C10 H10 Ru'
K non-polymer 'POTASSIUM ION' 'K 1'
TDJ non-polymer [(1,2,3,4,5-eta)-1-(4-{[carboxy(4-carboxy-5-methylidene-5,6-dihydro-2H-1,3-thiazin-2-yl)methyl]amino}-4-oxobutanoyl)cyclopentadienyl][(1,2,3,4,5-eta)-cyclopentadienyl]ruthenium 'C22 H13 N2 O6 Ru S'
#
# COMPACT_ATOMS: atom_id res chain seq x y z
N GLN A 1 3.40 3.77 4.55
CA GLN A 1 2.46 2.61 4.76
C GLN A 1 2.83 1.43 3.84
N THR A 2 2.43 0.20 4.24
CA THR A 2 2.62 -1.06 3.50
C THR A 2 1.24 -1.58 3.13
N SER A 3 0.92 -1.61 1.84
N SER A 3 0.94 -1.62 1.82
CA SER A 3 -0.35 -2.14 1.30
CA SER A 3 -0.32 -2.14 1.23
C SER A 3 -0.35 -3.68 1.34
C SER A 3 -0.33 -3.67 1.29
N ALA A 4 -1.51 -4.30 1.15
CA ALA A 4 -1.68 -5.77 1.01
C ALA A 4 -0.87 -6.26 -0.22
N VAL A 5 -0.91 -5.51 -1.32
CA VAL A 5 -0.07 -5.84 -2.52
C VAL A 5 1.41 -5.80 -2.15
N GLN A 6 1.86 -4.76 -1.44
CA GLN A 6 3.31 -4.66 -1.09
C GLN A 6 3.69 -5.83 -0.18
N GLN A 7 2.79 -6.24 0.72
CA GLN A 7 3.00 -7.39 1.63
CA GLN A 7 3.05 -7.39 1.63
C GLN A 7 3.17 -8.66 0.80
N LYS A 8 2.31 -8.87 -0.18
CA LYS A 8 2.41 -10.09 -1.06
C LYS A 8 3.71 -10.04 -1.89
N LEU A 9 4.11 -8.87 -2.38
CA LEU A 9 5.38 -8.77 -3.14
C LEU A 9 6.57 -9.05 -2.22
N ALA A 10 6.52 -8.64 -0.96
CA ALA A 10 7.60 -8.91 0.01
C ALA A 10 7.72 -10.42 0.25
N ALA A 11 6.59 -11.11 0.36
CA ALA A 11 6.54 -12.56 0.58
C ALA A 11 7.13 -13.24 -0.65
N LEU A 12 6.73 -12.79 -1.84
CA LEU A 12 7.29 -13.36 -3.08
C LEU A 12 8.79 -13.15 -3.04
N GLU A 13 9.23 -11.92 -2.74
CA GLU A 13 10.67 -11.61 -2.73
C GLU A 13 11.41 -12.58 -1.78
N LYS A 14 10.88 -12.76 -0.56
N LYS A 14 10.88 -12.78 -0.57
CA LYS A 14 11.49 -13.66 0.45
CA LYS A 14 11.56 -13.59 0.47
C LYS A 14 11.71 -15.06 -0.14
C LYS A 14 11.62 -15.07 0.08
N SER A 15 10.68 -15.68 -0.73
N SER A 15 10.79 -15.49 -0.88
CA SER A 15 10.78 -17.08 -1.22
CA SER A 15 10.74 -16.87 -1.42
C SER A 15 11.86 -17.17 -2.30
C SER A 15 11.48 -16.99 -2.76
N SER A 16 12.05 -16.09 -3.05
N SER A 16 11.99 -15.88 -3.32
CA SER A 16 12.96 -16.01 -4.23
CA SER A 16 12.65 -15.84 -4.65
C SER A 16 14.43 -15.93 -3.82
C SER A 16 14.16 -15.98 -4.52
N GLY A 17 14.73 -15.29 -2.68
N GLY A 17 14.73 -15.66 -3.35
CA GLY A 17 16.14 -15.05 -2.27
CA GLY A 17 16.19 -15.59 -3.11
C GLY A 17 16.85 -13.97 -3.09
C GLY A 17 16.87 -14.45 -3.87
N GLY A 18 16.18 -13.33 -4.05
CA GLY A 18 16.74 -12.20 -4.77
C GLY A 18 16.17 -10.88 -4.29
N ARG A 19 16.30 -9.87 -5.15
CA ARG A 19 15.82 -8.52 -4.91
C ARG A 19 14.84 -8.20 -6.03
N LEU A 20 13.66 -7.73 -5.64
CA LEU A 20 12.56 -7.40 -6.53
C LEU A 20 12.14 -5.93 -6.52
N GLY A 21 11.95 -5.34 -7.69
CA GLY A 21 11.53 -3.94 -7.79
C GLY A 21 10.36 -3.87 -8.71
N VAL A 22 9.29 -3.28 -8.29
CA VAL A 22 8.05 -3.22 -9.09
C VAL A 22 7.56 -1.77 -9.10
N ALA A 23 7.08 -1.34 -10.26
CA ALA A 23 6.35 -0.07 -10.35
C ALA A 23 5.21 -0.23 -11.33
N LEU A 24 4.02 0.10 -10.84
CA LEU A 24 2.76 0.09 -11.60
C LEU A 24 2.28 1.51 -11.72
N ILE A 25 1.88 1.92 -12.91
CA ILE A 25 1.01 3.11 -13.08
C ILE A 25 -0.29 2.65 -13.70
N ASP A 26 -1.40 2.99 -13.07
CA ASP A 26 -2.75 2.69 -13.60
C ASP A 26 -3.28 3.98 -14.20
N THR A 27 -3.40 4.08 -15.52
CA THR A 27 -3.81 5.34 -16.19
C THR A 27 -5.32 5.56 -16.03
N ALA A 28 -6.07 4.63 -15.45
CA ALA A 28 -7.48 4.87 -15.11
C ALA A 28 -7.55 6.07 -14.14
N ASP A 29 -6.62 6.17 -13.21
CA ASP A 29 -6.66 7.19 -12.11
C ASP A 29 -5.26 7.76 -11.84
N ASN A 30 -4.22 7.35 -12.56
CA ASN A 30 -2.84 7.82 -12.37
C ASN A 30 -2.27 7.39 -11.04
N THR A 31 -2.81 6.33 -10.44
CA THR A 31 -2.33 5.84 -9.14
C THR A 31 -1.15 4.91 -9.40
N GLN A 32 -0.32 4.71 -8.38
CA GLN A 32 0.94 3.97 -8.53
C GLN A 32 1.02 2.92 -7.45
N VAL A 33 1.55 1.76 -7.77
CA VAL A 33 1.85 0.77 -6.78
C VAL A 33 3.42 0.56 -6.83
N LEU A 34 4.27 0.69 -5.80
N LEU A 34 4.27 0.70 -5.81
CA LEU A 34 5.71 0.59 -5.87
CA LEU A 34 5.71 0.59 -5.88
C LEU A 34 6.21 -0.41 -4.84
C LEU A 34 6.21 -0.41 -4.84
N TYR A 35 7.20 -1.20 -5.21
CA TYR A 35 7.90 -2.08 -4.28
C TYR A 35 9.37 -1.84 -4.59
N ARG A 36 10.13 -1.27 -3.67
CA ARG A 36 11.56 -0.92 -3.89
C ARG A 36 11.59 0.01 -5.12
N GLY A 37 10.59 0.87 -5.22
CA GLY A 37 10.41 1.71 -6.42
C GLY A 37 11.51 2.71 -6.62
N ASP A 38 12.22 3.13 -5.57
CA ASP A 38 13.31 4.12 -5.69
C ASP A 38 14.68 3.47 -5.50
N GLU A 39 14.77 2.14 -5.48
CA GLU A 39 16.08 1.46 -5.46
C GLU A 39 16.56 1.28 -6.90
N ARG A 40 17.85 1.30 -7.09
CA ARG A 40 18.43 1.17 -8.44
C ARG A 40 18.55 -0.30 -8.81
N PHE A 41 18.29 -0.63 -10.07
CA PHE A 41 18.44 -2.00 -10.59
C PHE A 41 19.16 -1.93 -11.93
N PRO A 42 19.96 -2.94 -12.30
CA PRO A 42 20.52 -3.04 -13.64
C PRO A 42 19.41 -3.19 -14.68
N MET A 43 19.31 -2.34 -15.70
CA MET A 43 18.30 -2.36 -16.77
C MET A 43 18.48 -3.55 -17.71
N CYS A 44 19.74 -3.96 -17.95
CA CYS A 44 20.07 -4.93 -19.01
C CYS A 44 19.31 -4.49 -20.27
N SER A 45 18.75 -5.40 -21.03
CA SER A 45 18.17 -5.07 -22.36
C SER A 45 16.90 -4.22 -22.29
N THR A 46 16.30 -3.93 -21.12
CA THR A 46 15.14 -3.01 -21.07
C THR A 46 15.58 -1.60 -21.50
N SER A 47 16.90 -1.31 -21.45
CA SER A 47 17.48 -0.03 -21.94
C SER A 47 17.25 0.14 -23.44
N LYS A 48 17.01 -0.95 -24.18
CA LYS A 48 16.82 -0.87 -25.67
C LYS A 48 15.60 -0.01 -25.98
N VAL A 49 14.63 0.08 -25.06
CA VAL A 49 13.44 0.92 -25.36
C VAL A 49 13.86 2.41 -25.45
N MET A 50 14.74 2.86 -24.56
N MET A 50 14.74 2.85 -24.57
CA MET A 50 15.19 4.27 -24.53
CA MET A 50 15.17 4.27 -24.53
C MET A 50 15.98 4.56 -25.82
C MET A 50 16.03 4.59 -25.77
N ALA A 51 16.84 3.64 -26.24
CA ALA A 51 17.69 3.83 -27.43
C ALA A 51 16.78 3.89 -28.66
N ALA A 52 15.80 2.98 -28.79
CA ALA A 52 14.93 2.97 -29.99
C ALA A 52 14.09 4.26 -29.99
N ALA A 53 13.58 4.66 -28.82
CA ALA A 53 12.78 5.90 -28.71
C ALA A 53 13.60 7.16 -29.05
N ALA A 54 14.88 7.18 -28.69
CA ALA A 54 15.77 8.31 -29.00
C ALA A 54 15.94 8.42 -30.51
N VAL A 55 16.15 7.29 -31.20
CA VAL A 55 16.20 7.33 -32.70
C VAL A 55 14.84 7.73 -33.24
N LEU A 56 13.73 7.28 -32.65
CA LEU A 56 12.41 7.70 -33.18
C LEU A 56 12.25 9.21 -33.06
N LYS A 57 12.68 9.79 -31.95
CA LYS A 57 12.68 11.26 -31.73
C LYS A 57 13.54 11.94 -32.83
N GLN A 58 14.72 11.41 -33.18
CA GLN A 58 15.54 12.00 -34.27
C GLN A 58 14.76 11.91 -35.58
N SER A 59 14.03 10.83 -35.80
CA SER A 59 13.28 10.63 -37.07
C SER A 59 12.16 11.68 -37.22
N GLU A 60 11.71 12.32 -36.15
CA GLU A 60 10.68 13.39 -36.25
C GLU A 60 11.16 14.56 -37.13
N THR A 61 12.48 14.82 -37.18
CA THR A 61 13.00 15.93 -38.03
C THR A 61 13.75 15.39 -39.25
N GLN A 62 13.78 14.09 -39.47
CA GLN A 62 14.39 13.45 -40.68
C GLN A 62 13.46 12.35 -41.22
N LYS A 63 12.63 12.70 -42.21
N LYS A 63 12.63 12.67 -42.22
CA LYS A 63 11.62 11.77 -42.81
CA LYS A 63 11.60 11.71 -42.72
C LYS A 63 12.27 10.42 -43.13
C LYS A 63 12.25 10.49 -43.37
N GLN A 64 13.48 10.42 -43.67
N GLN A 64 13.55 10.53 -43.65
CA GLN A 64 14.13 9.20 -44.23
CA GLN A 64 14.26 9.38 -44.30
C GLN A 64 15.14 8.58 -43.26
C GLN A 64 15.04 8.56 -43.26
N LEU A 65 15.25 9.05 -42.02
CA LEU A 65 16.24 8.48 -41.07
C LEU A 65 16.01 6.97 -40.90
N LEU A 66 14.78 6.56 -40.69
CA LEU A 66 14.51 5.11 -40.39
C LEU A 66 14.87 4.23 -41.60
N ASN A 67 14.91 4.79 -42.82
CA ASN A 67 15.35 4.05 -44.03
C ASN A 67 16.88 4.07 -44.24
N GLN A 68 17.62 4.83 -43.43
CA GLN A 68 19.10 4.99 -43.54
C GLN A 68 19.81 3.66 -43.32
N PRO A 69 20.62 3.20 -44.30
CA PRO A 69 21.40 1.97 -44.11
C PRO A 69 22.56 2.21 -43.15
N VAL A 70 22.87 1.18 -42.38
CA VAL A 70 24.00 1.11 -41.43
C VAL A 70 24.77 -0.16 -41.79
N GLU A 71 26.06 -0.03 -42.06
N GLU A 71 26.08 -0.03 -42.02
CA GLU A 71 26.90 -1.18 -42.44
CA GLU A 71 26.95 -1.16 -42.45
C GLU A 71 26.98 -2.10 -41.22
C GLU A 71 27.18 -2.11 -41.27
N ILE A 72 26.96 -3.41 -41.46
CA ILE A 72 27.23 -4.41 -40.40
C ILE A 72 28.51 -5.15 -40.81
N LYS A 73 29.55 -5.09 -39.98
N LYS A 73 29.56 -5.07 -39.98
CA LYS A 73 30.83 -5.75 -40.28
CA LYS A 73 30.89 -5.69 -40.25
C LYS A 73 31.01 -6.96 -39.38
C LYS A 73 31.04 -6.92 -39.37
N PRO A 74 31.82 -7.95 -39.79
CA PRO A 74 32.06 -9.10 -38.92
C PRO A 74 32.48 -8.70 -37.51
N ALA A 75 33.30 -7.65 -37.37
CA ALA A 75 33.79 -7.22 -36.04
C ALA A 75 32.66 -6.65 -35.17
N ASP A 76 31.49 -6.35 -35.74
CA ASP A 76 30.34 -5.73 -35.02
C ASP A 76 29.56 -6.79 -34.24
N LEU A 77 29.74 -8.06 -34.58
CA LEU A 77 28.95 -9.13 -33.93
C LEU A 77 29.45 -9.26 -32.48
N VAL A 78 28.53 -9.43 -31.54
CA VAL A 78 28.85 -9.58 -30.09
C VAL A 78 28.28 -10.94 -29.65
N ASN A 79 27.67 -11.03 -28.48
CA ASN A 79 27.35 -12.33 -27.82
C ASN A 79 26.07 -12.92 -28.40
N TYR A 80 25.13 -12.09 -28.85
CA TYR A 80 23.77 -12.50 -29.27
C TYR A 80 23.25 -11.50 -30.31
N ASN A 81 23.09 -11.97 -31.55
N ASN A 81 23.15 -11.96 -31.55
CA ASN A 81 22.84 -11.07 -32.70
CA ASN A 81 22.87 -11.09 -32.73
C ASN A 81 22.17 -11.87 -33.81
C ASN A 81 22.20 -11.92 -33.81
N PRO A 82 20.99 -12.46 -33.51
CA PRO A 82 20.35 -13.39 -34.43
C PRO A 82 19.87 -12.73 -35.72
N ILE A 83 19.68 -11.41 -35.71
CA ILE A 83 19.27 -10.71 -36.94
C ILE A 83 20.53 -10.13 -37.60
N ALA A 84 21.39 -9.45 -36.84
CA ALA A 84 22.55 -8.76 -37.45
C ALA A 84 23.44 -9.78 -38.17
N GLU A 85 23.61 -11.00 -37.67
CA GLU A 85 24.58 -11.92 -38.30
C GLU A 85 24.15 -12.27 -39.73
N LYS A 86 22.88 -12.14 -40.08
CA LYS A 86 22.41 -12.42 -41.46
C LYS A 86 22.81 -11.30 -42.42
N HIS A 87 23.20 -10.13 -41.90
CA HIS A 87 23.44 -8.90 -42.70
C HIS A 87 24.91 -8.48 -42.64
N VAL A 88 25.76 -9.35 -42.12
N VAL A 88 25.77 -9.36 -42.14
CA VAL A 88 27.21 -9.10 -42.09
CA VAL A 88 27.24 -9.08 -42.05
C VAL A 88 27.70 -8.86 -43.52
C VAL A 88 27.79 -8.92 -43.48
N ASN A 89 28.56 -7.85 -43.70
CA ASN A 89 29.07 -7.41 -45.03
C ASN A 89 27.91 -6.85 -45.87
N GLY A 90 26.81 -6.49 -45.22
CA GLY A 90 25.66 -5.79 -45.81
C GLY A 90 25.24 -4.64 -44.92
N THR A 91 23.97 -4.28 -45.00
CA THR A 91 23.40 -3.16 -44.24
C THR A 91 22.09 -3.60 -43.60
N MET A 92 21.74 -2.85 -42.56
CA MET A 92 20.41 -2.88 -41.95
C MET A 92 19.99 -1.43 -41.84
N THR A 93 18.71 -1.17 -42.03
CA THR A 93 18.19 0.20 -41.83
C THR A 93 18.02 0.45 -40.32
N LEU A 94 17.92 1.71 -39.93
CA LEU A 94 17.63 2.05 -38.51
C LEU A 94 16.27 1.49 -38.10
N ALA A 95 15.27 1.42 -38.97
CA ALA A 95 14.00 0.74 -38.61
C ALA A 95 14.25 -0.74 -38.34
N GLU A 96 14.98 -1.43 -39.21
CA GLU A 96 15.35 -2.87 -39.02
C GLU A 96 16.15 -3.05 -37.73
N LEU A 97 17.12 -2.19 -37.46
CA LEU A 97 17.94 -2.31 -36.22
C LEU A 97 17.06 -2.08 -35.00
N SER A 98 16.14 -1.14 -35.06
CA SER A 98 15.21 -0.88 -33.92
C SER A 98 14.37 -2.13 -33.67
N ALA A 99 13.80 -2.71 -34.71
CA ALA A 99 12.91 -3.88 -34.56
C ALA A 99 13.73 -5.05 -34.03
N ALA A 100 14.90 -5.26 -34.60
CA ALA A 100 15.72 -6.39 -34.15
C ALA A 100 16.05 -6.23 -32.66
N ALA A 101 16.50 -5.06 -32.25
CA ALA A 101 16.82 -4.74 -30.83
C ALA A 101 15.61 -4.98 -29.94
N LEU A 102 14.45 -4.47 -30.29
CA LEU A 102 13.31 -4.52 -29.35
C LEU A 102 12.65 -5.90 -29.40
N GLN A 103 12.48 -6.49 -30.58
CA GLN A 103 11.62 -7.71 -30.69
C GLN A 103 12.45 -8.98 -30.56
N TYR A 104 13.75 -8.97 -30.83
CA TYR A 104 14.65 -10.15 -30.77
C TYR A 104 15.78 -9.94 -29.77
N SER A 105 15.85 -8.76 -29.15
CA SER A 105 16.92 -8.36 -28.19
C SER A 105 18.29 -8.56 -28.85
N ASP A 106 18.40 -8.16 -30.12
CA ASP A 106 19.68 -8.30 -30.85
C ASP A 106 20.64 -7.24 -30.30
N ASN A 107 21.80 -7.66 -29.80
CA ASN A 107 22.73 -6.72 -29.12
C ASN A 107 23.60 -5.93 -30.12
N THR A 108 23.90 -6.50 -31.29
CA THR A 108 24.58 -5.74 -32.37
C THR A 108 23.62 -4.61 -32.77
N ALA A 109 22.34 -4.90 -32.87
CA ALA A 109 21.39 -3.85 -33.31
C ALA A 109 21.35 -2.72 -32.27
N MET A 110 21.27 -3.04 -30.99
CA MET A 110 21.33 -2.02 -29.92
C MET A 110 22.62 -1.21 -30.05
N ASN A 111 23.74 -1.83 -30.36
CA ASN A 111 25.02 -1.07 -30.45
C ASN A 111 24.94 -0.11 -31.63
N LYS A 112 24.33 -0.48 -32.75
CA LYS A 112 24.13 0.50 -33.85
C LYS A 112 23.26 1.67 -33.42
N LEU A 113 22.18 1.46 -32.68
CA LEU A 113 21.29 2.52 -32.18
C LEU A 113 22.12 3.45 -31.27
N ILE A 114 22.88 2.87 -30.35
CA ILE A 114 23.77 3.66 -29.45
C ILE A 114 24.76 4.48 -30.30
N ALA A 115 25.36 3.88 -31.32
CA ALA A 115 26.37 4.56 -32.17
C ALA A 115 25.67 5.74 -32.88
N GLN A 116 24.42 5.55 -33.32
CA GLN A 116 23.63 6.59 -34.07
C GLN A 116 23.34 7.78 -33.14
N LEU A 117 23.32 7.57 -31.81
CA LEU A 117 23.02 8.62 -30.80
C LEU A 117 24.31 9.21 -30.24
N GLY A 118 25.47 8.76 -30.72
CA GLY A 118 26.80 9.30 -30.33
C GLY A 118 27.39 8.64 -29.10
N GLY A 119 26.86 7.46 -28.73
CA GLY A 119 27.36 6.67 -27.60
C GLY A 119 26.33 6.62 -26.47
N PRO A 120 26.65 5.86 -25.41
CA PRO A 120 25.71 5.62 -24.32
C PRO A 120 25.15 6.92 -23.73
N GLY A 121 26.01 7.93 -23.60
CA GLY A 121 25.60 9.23 -23.07
C GLY A 121 24.58 9.93 -23.94
N GLY A 122 24.51 9.64 -25.24
CA GLY A 122 23.41 10.11 -26.08
C GLY A 122 22.05 9.54 -25.70
N VAL A 123 22.03 8.30 -25.24
CA VAL A 123 20.76 7.68 -24.77
C VAL A 123 20.40 8.38 -23.45
N THR A 124 21.35 8.58 -22.56
CA THR A 124 21.09 9.26 -21.27
C THR A 124 20.60 10.70 -21.51
N ALA A 125 21.17 11.39 -22.48
CA ALA A 125 20.74 12.76 -22.84
C ALA A 125 19.27 12.79 -23.24
N PHE A 126 18.84 11.82 -24.04
CA PHE A 126 17.44 11.73 -24.47
C PHE A 126 16.55 11.50 -23.23
N ALA A 127 16.92 10.58 -22.35
CA ALA A 127 16.16 10.32 -21.10
C ALA A 127 15.97 11.66 -20.35
N ARG A 128 17.03 12.43 -20.21
CA ARG A 128 16.94 13.71 -19.47
C ARG A 128 16.01 14.68 -20.19
N ALA A 129 16.04 14.69 -21.51
CA ALA A 129 15.20 15.57 -22.37
C ALA A 129 13.73 15.25 -22.17
N ILE A 130 13.38 14.00 -21.86
CA ILE A 130 11.95 13.63 -21.64
C ILE A 130 11.66 13.53 -20.12
N GLY A 131 12.52 14.09 -19.26
CA GLY A 131 12.21 14.36 -17.83
C GLY A 131 12.57 13.19 -16.94
N ASP A 132 13.34 12.25 -17.44
CA ASP A 132 13.87 11.09 -16.66
C ASP A 132 15.24 11.50 -16.13
N GLU A 133 15.32 11.78 -14.83
CA GLU A 133 16.57 12.24 -14.19
C GLU A 133 17.34 11.06 -13.58
N THR A 134 16.81 9.83 -13.71
CA THR A 134 17.30 8.65 -12.98
C THR A 134 18.08 7.72 -13.94
N PHE A 135 17.51 7.47 -15.10
CA PHE A 135 18.10 6.55 -16.11
C PHE A 135 19.56 6.96 -16.39
N ARG A 136 20.45 5.99 -16.46
CA ARG A 136 21.78 6.22 -17.03
C ARG A 136 22.24 5.02 -17.85
N LEU A 137 22.68 5.26 -19.09
CA LEU A 137 23.37 4.25 -19.88
C LEU A 137 24.84 4.66 -19.94
N ASP A 138 25.70 3.72 -19.63
CA ASP A 138 27.15 3.99 -19.46
C ASP A 138 27.99 3.18 -20.45
N ARG A 139 27.45 2.08 -20.95
CA ARG A 139 28.23 1.11 -21.74
C ARG A 139 27.40 0.60 -22.91
N THR A 140 28.09 0.05 -23.86
CA THR A 140 27.46 -0.68 -24.97
C THR A 140 27.09 -2.11 -24.54
N ALA A 141 26.45 -2.85 -25.44
CA ALA A 141 26.20 -4.29 -25.24
C ALA A 141 27.42 -5.07 -25.64
N PRO A 142 27.79 -6.19 -24.96
CA PRO A 142 27.03 -6.76 -23.86
C PRO A 142 27.44 -6.31 -22.44
N THR A 143 28.44 -5.44 -22.31
CA THR A 143 28.99 -5.14 -20.94
C THR A 143 27.96 -4.32 -20.14
N LEU A 144 26.95 -3.71 -20.74
CA LEU A 144 25.90 -3.06 -19.91
C LEU A 144 25.09 -4.12 -19.16
N ASN A 145 25.27 -5.42 -19.41
CA ASN A 145 24.51 -6.49 -18.71
C ASN A 145 25.31 -7.10 -17.55
N THR A 146 26.45 -6.54 -17.18
CA THR A 146 27.23 -7.14 -16.06
C THR A 146 26.42 -7.17 -14.77
N ALA A 147 25.54 -6.20 -14.55
CA ALA A 147 24.55 -6.24 -13.45
C ALA A 147 25.19 -6.45 -12.07
N ILE A 148 26.36 -5.88 -11.83
CA ILE A 148 27.10 -6.10 -10.56
C ILE A 148 26.34 -5.40 -9.45
N PRO A 149 26.10 -6.06 -8.32
CA PRO A 149 25.40 -5.40 -7.22
C PRO A 149 26.19 -4.15 -6.81
N GLY A 150 25.45 -3.08 -6.58
CA GLY A 150 26.03 -1.82 -6.05
C GLY A 150 26.59 -0.95 -7.17
N ASP A 151 26.71 -1.46 -8.40
CA ASP A 151 27.27 -0.70 -9.54
C ASP A 151 26.19 0.24 -10.04
N PRO A 152 26.41 1.58 -10.10
CA PRO A 152 25.40 2.49 -10.63
C PRO A 152 25.34 2.47 -12.17
N ARG A 153 26.31 1.89 -12.88
CA ARG A 153 26.28 1.93 -14.35
C ARG A 153 25.04 1.22 -14.89
N ASP A 154 24.40 1.81 -15.89
CA ASP A 154 23.38 1.08 -16.69
C ASP A 154 22.24 0.68 -15.75
N THR A 155 21.82 1.61 -14.88
CA THR A 155 20.75 1.40 -13.90
C THR A 155 19.65 2.43 -14.06
N THR A 156 18.48 2.08 -13.53
CA THR A 156 17.40 3.01 -13.22
C THR A 156 16.65 2.50 -12.00
N THR A 157 15.60 3.19 -11.66
CA THR A 157 14.66 2.77 -10.60
C THR A 157 13.38 2.34 -11.27
N PRO A 158 12.64 1.40 -10.64
CA PRO A 158 11.32 1.03 -11.17
C PRO A 158 10.39 2.24 -11.40
N ARG A 159 10.32 3.17 -10.42
CA ARG A 159 9.45 4.36 -10.53
C ARG A 159 9.82 5.15 -11.79
N ALA A 160 11.10 5.42 -12.00
CA ALA A 160 11.56 6.25 -13.13
C ALA A 160 11.21 5.56 -14.44
N MET A 161 11.44 4.26 -14.53
N MET A 161 11.45 4.25 -14.52
CA MET A 161 11.27 3.56 -15.84
CA MET A 161 11.29 3.51 -15.79
C MET A 161 9.78 3.43 -16.14
C MET A 161 9.80 3.45 -16.13
N ALA A 162 8.91 3.31 -15.14
CA ALA A 162 7.45 3.23 -15.39
C ALA A 162 6.97 4.58 -15.91
N GLN A 163 7.45 5.64 -15.27
N GLN A 163 7.41 5.67 -15.30
CA GLN A 163 7.15 7.05 -15.61
CA GLN A 163 7.00 7.02 -15.75
C GLN A 163 7.59 7.33 -17.05
C GLN A 163 7.51 7.21 -17.18
N THR A 164 8.77 6.84 -17.46
CA THR A 164 9.32 7.07 -18.82
C THR A 164 8.52 6.23 -19.82
N LEU A 165 8.30 4.97 -19.50
CA LEU A 165 7.62 4.12 -20.49
C LEU A 165 6.22 4.68 -20.75
N ARG A 166 5.56 5.25 -19.74
N ARG A 166 5.57 5.21 -19.72
CA ARG A 166 4.19 5.81 -19.87
CA ARG A 166 4.24 5.82 -19.88
C ARG A 166 4.23 7.06 -20.75
C ARG A 166 4.33 6.99 -20.85
N GLN A 167 5.24 7.92 -20.57
CA GLN A 167 5.43 9.08 -21.46
C GLN A 167 5.67 8.64 -22.92
N LEU A 168 6.50 7.62 -23.11
CA LEU A 168 6.89 7.21 -24.48
C LEU A 168 5.72 6.59 -25.22
N THR A 169 4.90 5.76 -24.58
CA THR A 169 3.95 4.85 -25.28
C THR A 169 2.51 5.34 -25.21
N LEU A 170 2.17 6.09 -24.17
CA LEU A 170 0.79 6.59 -23.96
C LEU A 170 0.77 8.13 -23.93
N GLY A 171 1.87 8.76 -23.54
CA GLY A 171 1.98 10.23 -23.45
C GLY A 171 2.58 10.81 -24.72
N HIS A 172 3.20 11.98 -24.62
CA HIS A 172 3.53 12.83 -25.79
C HIS A 172 5.03 13.12 -25.80
N ALA A 173 5.87 12.22 -25.26
CA ALA A 173 7.34 12.33 -25.39
C ALA A 173 7.75 12.18 -26.86
N LEU A 174 7.02 11.38 -27.63
CA LEU A 174 7.24 11.22 -29.09
C LEU A 174 6.05 11.82 -29.84
N GLY A 175 6.25 12.13 -31.11
CA GLY A 175 5.15 12.48 -32.03
C GLY A 175 4.23 11.29 -32.23
N GLU A 176 3.02 11.54 -32.74
CA GLU A 176 1.94 10.52 -32.78
C GLU A 176 2.40 9.27 -33.57
N THR A 177 2.99 9.46 -34.76
N THR A 177 3.01 9.42 -34.74
CA THR A 177 3.47 8.40 -35.67
CA THR A 177 3.36 8.25 -35.60
C THR A 177 4.51 7.54 -34.94
C THR A 177 4.58 7.52 -35.02
N GLN A 178 5.43 8.23 -34.29
CA GLN A 178 6.60 7.59 -33.63
C GLN A 178 6.10 6.78 -32.42
N ARG A 179 5.20 7.37 -31.61
CA ARG A 179 4.59 6.67 -30.46
C ARG A 179 3.92 5.39 -30.93
N ALA A 180 3.13 5.49 -32.00
CA ALA A 180 2.45 4.31 -32.60
C ALA A 180 3.48 3.29 -33.05
N GLN A 181 4.60 3.72 -33.64
CA GLN A 181 5.64 2.78 -34.14
C GLN A 181 6.22 2.04 -32.93
N LEU A 182 6.52 2.78 -31.88
CA LEU A 182 7.15 2.16 -30.68
C LEU A 182 6.20 1.11 -30.12
N VAL A 183 4.93 1.45 -30.00
CA VAL A 183 3.90 0.51 -29.48
C VAL A 183 3.78 -0.72 -30.39
N THR A 184 3.75 -0.55 -31.71
CA THR A 184 3.70 -1.68 -32.65
C THR A 184 4.90 -2.59 -32.35
N TRP A 185 6.07 -2.00 -32.21
CA TRP A 185 7.30 -2.79 -32.01
C TRP A 185 7.15 -3.58 -30.71
N LEU A 186 6.77 -2.90 -29.61
CA LEU A 186 6.68 -3.58 -28.29
C LEU A 186 5.66 -4.73 -28.36
N LYS A 187 4.52 -4.49 -29.00
CA LYS A 187 3.44 -5.50 -29.12
C LYS A 187 3.96 -6.72 -29.90
N GLY A 188 4.93 -6.55 -30.77
CA GLY A 188 5.46 -7.61 -31.65
C GLY A 188 6.66 -8.30 -31.00
N ASN A 189 6.95 -7.99 -29.75
CA ASN A 189 8.05 -8.63 -29.02
C ASN A 189 7.89 -10.14 -29.06
N THR A 190 8.99 -10.86 -29.26
CA THR A 190 8.97 -12.34 -29.32
C THR A 190 9.43 -12.95 -28.01
N THR A 191 9.95 -12.19 -27.06
CA THR A 191 10.68 -12.77 -25.93
C THR A 191 9.91 -12.69 -24.60
N GLY A 192 8.63 -12.26 -24.58
CA GLY A 192 8.01 -11.82 -23.31
C GLY A 192 7.00 -12.78 -22.70
N ALA A 193 6.65 -13.87 -23.36
CA ALA A 193 5.51 -14.71 -22.89
C ALA A 193 5.74 -15.35 -21.51
N ALA A 194 6.97 -15.48 -21.03
CA ALA A 194 7.24 -16.20 -19.75
C ALA A 194 7.36 -15.17 -18.63
N SER A 195 7.29 -13.87 -18.92
CA SER A 195 7.61 -12.83 -17.93
C SER A 195 6.30 -12.15 -17.50
N ILE A 196 6.17 -10.82 -17.55
CA ILE A 196 4.91 -10.13 -17.11
C ILE A 196 3.67 -10.83 -17.68
N ARG A 197 3.68 -11.10 -18.97
N ARG A 197 3.64 -11.09 -18.98
CA ARG A 197 2.52 -11.64 -19.72
CA ARG A 197 2.42 -11.61 -19.67
C ARG A 197 2.00 -12.93 -19.04
C ARG A 197 1.96 -12.94 -19.04
N ALA A 198 2.89 -13.76 -18.53
CA ALA A 198 2.57 -15.05 -17.92
C ALA A 198 1.77 -14.88 -16.62
N GLY A 199 1.84 -13.71 -15.99
CA GLY A 199 1.09 -13.45 -14.75
C GLY A 199 -0.26 -12.81 -14.99
N LEU A 200 -0.60 -12.44 -16.23
CA LEU A 200 -1.83 -11.69 -16.55
C LEU A 200 -2.87 -12.59 -17.24
N PRO A 201 -4.16 -12.20 -17.16
CA PRO A 201 -5.19 -12.92 -17.87
C PRO A 201 -4.88 -12.92 -19.38
N THR A 202 -5.16 -14.03 -20.05
CA THR A 202 -4.86 -14.22 -21.49
C THR A 202 -5.53 -13.12 -22.30
N SER A 203 -6.72 -12.66 -21.91
CA SER A 203 -7.51 -11.70 -22.70
C SER A 203 -6.85 -10.31 -22.72
N TRP A 204 -5.92 -10.03 -21.81
CA TRP A 204 -5.21 -8.72 -21.78
C TRP A 204 -4.13 -8.70 -22.86
N THR A 205 -3.89 -7.55 -23.46
N THR A 205 -3.95 -7.52 -23.46
CA THR A 205 -2.83 -7.46 -24.48
CA THR A 205 -2.91 -7.22 -24.48
C THR A 205 -1.68 -6.60 -23.95
C THR A 205 -1.66 -6.72 -23.76
N VAL A 206 -0.47 -7.08 -24.26
CA VAL A 206 0.81 -6.62 -23.67
C VAL A 206 1.79 -6.27 -24.79
N GLY A 207 2.48 -5.15 -24.63
CA GLY A 207 3.73 -4.88 -25.32
C GLY A 207 4.82 -4.74 -24.31
N ASP A 208 5.95 -5.40 -24.51
CA ASP A 208 6.95 -5.44 -23.41
C ASP A 208 8.33 -5.53 -24.03
N LYS A 209 9.32 -5.26 -23.22
CA LYS A 209 10.75 -5.50 -23.50
C LYS A 209 11.37 -6.19 -22.28
N THR A 210 11.96 -7.36 -22.47
CA THR A 210 12.64 -8.12 -21.42
C THR A 210 14.09 -7.67 -21.28
N GLY A 211 14.73 -8.18 -20.24
CA GLY A 211 16.18 -8.09 -20.20
C GLY A 211 16.71 -9.17 -19.30
N SER A 212 17.97 -9.54 -19.50
CA SER A 212 18.62 -10.58 -18.71
C SER A 212 20.10 -10.26 -18.66
N GLY A 213 20.75 -10.63 -17.57
CA GLY A 213 22.15 -10.36 -17.40
C GLY A 213 22.73 -11.17 -16.31
N ASP A 214 23.93 -10.83 -15.94
CA ASP A 214 24.59 -11.57 -14.88
C ASP A 214 23.80 -11.33 -13.56
N TYR A 215 24.17 -12.07 -12.54
CA TYR A 215 23.53 -12.04 -11.21
C TYR A 215 22.08 -12.49 -11.41
N GLY A 216 21.83 -13.40 -12.35
CA GLY A 216 20.47 -13.93 -12.56
C GLY A 216 19.48 -12.82 -12.80
N THR A 217 19.91 -11.70 -13.39
CA THR A 217 19.09 -10.50 -13.58
C THR A 217 18.05 -10.80 -14.62
N THR A 218 16.79 -10.57 -14.26
CA THR A 218 15.61 -10.94 -15.04
C THR A 218 14.62 -9.80 -14.95
N ASN A 219 14.43 -9.12 -16.07
CA ASN A 219 13.66 -7.87 -16.11
C ASN A 219 12.57 -7.92 -17.18
N ASP A 220 11.54 -7.11 -16.97
CA ASP A 220 10.50 -6.90 -18.01
C ASP A 220 9.89 -5.54 -17.75
N ILE A 221 9.64 -4.77 -18.81
CA ILE A 221 8.90 -3.50 -18.71
C ILE A 221 7.79 -3.57 -19.75
N ALA A 222 6.58 -3.24 -19.36
CA ALA A 222 5.42 -3.54 -20.19
C ALA A 222 4.40 -2.42 -20.17
N VAL A 223 3.70 -2.26 -21.30
N VAL A 223 3.75 -2.19 -21.31
CA VAL A 223 2.45 -1.47 -21.43
CA VAL A 223 2.44 -1.51 -21.34
C VAL A 223 1.33 -2.48 -21.63
C VAL A 223 1.37 -2.57 -21.54
N ILE A 224 0.26 -2.40 -20.83
CA ILE A 224 -0.75 -3.47 -20.70
C ILE A 224 -2.08 -2.80 -21.00
N TRP A 225 -2.83 -3.46 -21.83
CA TRP A 225 -4.17 -3.09 -22.13
C TRP A 225 -5.14 -4.17 -21.60
N PRO A 226 -5.65 -3.98 -20.35
CA PRO A 226 -6.53 -4.97 -19.76
C PRO A 226 -7.95 -5.05 -20.46
N GLN A 227 -8.73 -6.20 -20.57
N GLN A 227 -8.70 -6.19 -20.60
CA GLN A 227 -10.05 -6.13 -21.11
CA GLN A 227 -10.06 -6.22 -21.00
C GLN A 227 -10.92 -5.32 -20.22
C GLN A 227 -10.87 -5.29 -20.18
N GLY A 228 -11.46 -4.30 -20.83
CA GLY A 228 -12.40 -3.33 -20.23
C GLY A 228 -11.81 -2.31 -19.26
N ARG A 229 -10.48 -2.09 -19.30
N ARG A 229 -10.48 -2.09 -19.25
CA ARG A 229 -9.79 -1.13 -18.39
CA ARG A 229 -9.84 -1.12 -18.31
C ARG A 229 -8.90 -0.18 -19.21
C ARG A 229 -8.81 -0.27 -19.06
N ALA A 230 -8.63 0.99 -18.66
CA ALA A 230 -7.56 1.89 -19.17
C ALA A 230 -6.21 1.18 -19.08
N PRO A 231 -5.26 1.50 -19.97
CA PRO A 231 -3.96 0.84 -19.92
C PRO A 231 -3.17 1.03 -18.62
N LEU A 232 -2.31 0.07 -18.35
CA LEU A 232 -1.37 0.04 -17.22
C LEU A 232 0.03 0.13 -17.80
N VAL A 233 0.96 0.67 -17.04
CA VAL A 233 2.40 0.49 -17.25
C VAL A 233 2.93 -0.32 -16.06
N LEU A 234 3.74 -1.32 -16.33
CA LEU A 234 4.29 -2.17 -15.26
C LEU A 234 5.77 -2.42 -15.56
N VAL A 235 6.63 -2.21 -14.58
N VAL A 235 6.58 -2.23 -14.53
CA VAL A 235 8.07 -2.59 -14.69
CA VAL A 235 8.04 -2.54 -14.50
C VAL A 235 8.39 -3.51 -13.51
C VAL A 235 8.24 -3.63 -13.46
N THR A 236 8.97 -4.67 -13.82
CA THR A 236 9.40 -5.71 -12.87
C THR A 236 10.88 -5.95 -13.10
N TYR A 237 11.72 -5.55 -12.13
N TYR A 237 11.68 -5.71 -12.07
CA TYR A 237 13.17 -5.87 -12.13
CA TYR A 237 13.14 -5.89 -12.10
C TYR A 237 13.40 -6.94 -11.05
C TYR A 237 13.49 -6.87 -10.99
N PHE A 238 14.37 -7.80 -11.29
CA PHE A 238 14.76 -8.85 -10.34
C PHE A 238 16.24 -9.15 -10.49
N THR A 239 16.98 -9.22 -9.38
CA THR A 239 18.44 -9.47 -9.44
C THR A 239 18.80 -10.29 -8.20
N GLN A 240 19.87 -11.07 -8.28
CA GLN A 240 20.17 -12.18 -7.36
C GLN A 240 21.62 -12.03 -6.88
N PRO A 241 21.96 -12.58 -5.69
CA PRO A 241 23.25 -12.29 -5.08
C PRO A 241 24.47 -12.89 -5.77
N GLN A 242 24.29 -13.98 -6.52
N GLN A 242 24.31 -14.01 -6.48
CA GLN A 242 25.40 -14.78 -7.11
CA GLN A 242 25.44 -14.77 -7.08
C GLN A 242 25.53 -14.50 -8.61
C GLN A 242 25.53 -14.50 -8.58
N GLN A 243 26.75 -14.24 -9.07
CA GLN A 243 27.01 -13.86 -10.49
C GLN A 243 26.39 -14.85 -11.47
N ASN A 244 26.42 -16.15 -11.15
N ASN A 244 26.45 -16.15 -11.19
CA ASN A 244 25.99 -17.26 -12.05
CA ASN A 244 25.98 -17.21 -12.13
C ASN A 244 24.52 -17.64 -11.87
C ASN A 244 24.59 -17.72 -11.72
N ALA A 245 23.77 -16.92 -11.04
CA ALA A 245 22.36 -17.30 -10.74
C ALA A 245 21.56 -17.53 -12.03
N GLU A 246 20.55 -18.38 -11.96
CA GLU A 246 19.66 -18.69 -13.12
C GLU A 246 18.59 -17.60 -13.31
N SER A 247 18.10 -17.41 -14.53
N SER A 247 18.08 -17.45 -14.54
CA SER A 247 16.95 -16.52 -14.79
CA SER A 247 16.92 -16.58 -14.86
C SER A 247 15.75 -16.98 -13.98
C SER A 247 15.71 -16.99 -14.02
N ARG A 248 14.89 -16.03 -13.61
CA ARG A 248 13.66 -16.30 -12.83
C ARG A 248 12.53 -15.49 -13.44
N ARG A 249 12.15 -15.80 -14.69
N ARG A 249 12.15 -15.80 -14.69
CA ARG A 249 11.03 -15.12 -15.35
CA ARG A 249 11.02 -15.11 -15.35
C ARG A 249 9.75 -15.37 -14.53
C ARG A 249 9.73 -15.39 -14.57
N ASP A 250 9.64 -16.54 -13.88
CA ASP A 250 8.45 -16.89 -13.09
C ASP A 250 8.25 -15.92 -11.93
N VAL A 251 9.31 -15.30 -11.40
CA VAL A 251 9.15 -14.29 -10.33
C VAL A 251 8.51 -13.04 -10.91
N LEU A 252 8.86 -12.67 -12.13
CA LEU A 252 8.23 -11.50 -12.78
C LEU A 252 6.77 -11.80 -13.04
N ALA A 253 6.48 -12.99 -13.51
CA ALA A 253 5.09 -13.41 -13.71
C ALA A 253 4.32 -13.37 -12.39
N SER A 254 4.90 -13.89 -11.29
CA SER A 254 4.27 -13.90 -9.96
C SER A 254 4.02 -12.48 -9.48
N ALA A 255 4.91 -11.55 -9.79
CA ALA A 255 4.77 -10.14 -9.39
C ALA A 255 3.63 -9.52 -10.19
N ALA A 256 3.54 -9.85 -11.46
CA ALA A 256 2.50 -9.34 -12.36
C ALA A 256 1.14 -9.87 -11.89
N ARG A 257 1.08 -11.14 -11.49
N ARG A 257 1.08 -11.13 -11.47
CA ARG A 257 -0.19 -11.77 -11.02
CA ARG A 257 -0.19 -11.75 -11.01
C ARG A 257 -0.67 -11.05 -9.75
C ARG A 257 -0.66 -11.03 -9.74
N ILE A 258 0.24 -10.77 -8.81
CA ILE A 258 -0.10 -10.05 -7.54
C ILE A 258 -0.66 -8.66 -7.87
N ILE A 259 0.00 -7.99 -8.79
CA ILE A 259 -0.42 -6.64 -9.22
C ILE A 259 -1.83 -6.70 -9.85
N ALA A 260 -2.07 -7.66 -10.73
CA ALA A 260 -3.36 -7.78 -11.44
C ALA A 260 -4.48 -8.09 -10.45
N GLU A 261 -4.18 -8.96 -9.48
N GLU A 261 -4.21 -8.97 -9.47
CA GLU A 261 -5.19 -9.37 -8.49
CA GLU A 261 -5.22 -9.37 -8.45
C GLU A 261 -5.53 -8.14 -7.64
C GLU A 261 -5.49 -8.19 -7.52
N GLY A 262 -4.57 -7.23 -7.45
CA GLY A 262 -4.69 -6.04 -6.58
C GLY A 262 -5.47 -4.90 -7.22
N LEU A 263 -5.77 -4.98 -8.52
CA LEU A 263 -6.58 -3.95 -9.23
C LEU A 263 -8.06 -4.08 -8.81
N ALA B 4 -28.15 22.58 10.29
CA ALA B 4 -27.75 23.31 11.54
C ALA B 4 -26.52 22.64 12.16
N VAL B 5 -26.68 21.40 12.66
CA VAL B 5 -25.55 20.68 13.31
C VAL B 5 -24.46 20.41 12.27
N GLN B 6 -24.84 20.17 11.00
CA GLN B 6 -23.86 19.94 9.90
C GLN B 6 -22.94 21.15 9.68
N GLN B 7 -23.55 22.33 9.55
N GLN B 7 -23.52 22.35 9.63
CA GLN B 7 -22.86 23.64 9.50
CA GLN B 7 -22.77 23.63 9.55
C GLN B 7 -21.83 23.67 10.64
C GLN B 7 -21.81 23.72 10.75
N LYS B 8 -22.26 23.38 11.88
N LYS B 8 -22.30 23.38 11.95
CA LYS B 8 -21.41 23.61 13.09
CA LYS B 8 -21.54 23.54 13.21
C LYS B 8 -20.25 22.60 13.10
C LYS B 8 -20.33 22.59 13.20
N LEU B 9 -20.52 21.34 12.76
CA LEU B 9 -19.42 20.34 12.74
C LEU B 9 -18.44 20.72 11.63
N ALA B 10 -18.93 21.24 10.50
CA ALA B 10 -18.04 21.63 9.37
C ALA B 10 -17.14 22.81 9.81
N ALA B 11 -17.72 23.76 10.55
CA ALA B 11 -17.05 24.97 11.04
C ALA B 11 -15.99 24.54 12.06
N LEU B 12 -16.34 23.63 12.95
CA LEU B 12 -15.40 23.13 13.97
C LEU B 12 -14.24 22.46 13.25
N GLU B 13 -14.51 21.57 12.28
CA GLU B 13 -13.43 20.90 11.52
C GLU B 13 -12.53 21.93 10.81
N LYS B 14 -13.13 22.91 10.13
CA LYS B 14 -12.34 23.94 9.39
C LYS B 14 -11.36 24.59 10.38
N SER B 15 -11.87 24.99 11.55
N SER B 15 -11.89 25.03 11.53
CA SER B 15 -11.09 25.70 12.59
CA SER B 15 -11.11 25.67 12.62
C SER B 15 -9.96 24.80 13.13
C SER B 15 -9.92 24.78 13.01
N SER B 16 -10.18 23.49 13.19
CA SER B 16 -9.21 22.51 13.76
C SER B 16 -8.01 22.27 12.82
N GLY B 17 -8.19 22.48 11.51
CA GLY B 17 -7.18 22.12 10.49
C GLY B 17 -7.11 20.64 10.15
N GLY B 18 -7.89 19.78 10.83
CA GLY B 18 -7.84 18.32 10.64
C GLY B 18 -9.09 17.78 9.99
N ARG B 19 -9.31 16.48 10.18
CA ARG B 19 -10.40 15.69 9.55
C ARG B 19 -11.20 15.08 10.70
N LEU B 20 -12.47 15.43 10.79
CA LEU B 20 -13.38 15.10 11.91
C LEU B 20 -14.43 14.11 11.42
N GLY B 21 -14.62 13.00 12.13
CA GLY B 21 -15.67 12.02 11.88
C GLY B 21 -16.58 11.91 13.07
N VAL B 22 -17.87 11.99 12.87
CA VAL B 22 -18.87 11.92 13.97
C VAL B 22 -19.99 10.97 13.58
N ALA B 23 -20.40 10.11 14.49
CA ALA B 23 -21.62 9.30 14.31
C ALA B 23 -22.35 9.28 15.66
N LEU B 24 -23.55 9.83 15.68
CA LEU B 24 -24.51 9.74 16.80
C LEU B 24 -25.63 8.75 16.47
N ILE B 25 -25.93 7.84 17.38
CA ILE B 25 -27.25 7.15 17.41
C ILE B 25 -28.00 7.62 18.65
N ASP B 26 -29.20 8.16 18.48
CA ASP B 26 -30.11 8.50 19.62
C ASP B 26 -31.09 7.33 19.75
N THR B 27 -30.95 6.45 20.74
CA THR B 27 -31.76 5.20 20.80
C THR B 27 -33.18 5.57 21.22
N ALA B 28 -33.47 6.84 21.57
CA ALA B 28 -34.86 7.29 21.82
C ALA B 28 -35.72 7.02 20.57
N ASP B 29 -35.23 7.43 19.39
N ASP B 29 -35.33 7.51 19.38
CA ASP B 29 -36.01 7.47 18.11
CA ASP B 29 -36.10 7.33 18.11
C ASP B 29 -35.19 6.89 16.97
C ASP B 29 -35.16 6.94 16.96
N ASN B 30 -34.03 6.29 17.25
CA ASN B 30 -33.05 5.80 16.25
C ASN B 30 -32.68 6.90 15.26
N THR B 31 -32.75 8.18 15.64
CA THR B 31 -32.27 9.28 14.78
C THR B 31 -30.73 9.25 14.81
N GLN B 32 -30.10 9.75 13.75
CA GLN B 32 -28.63 9.74 13.63
C GLN B 32 -28.13 11.12 13.26
N VAL B 33 -26.89 11.36 13.57
CA VAL B 33 -26.19 12.53 13.11
C VAL B 33 -24.87 12.00 12.65
N LEU B 34 -24.58 12.23 11.38
CA LEU B 34 -23.35 11.79 10.79
C LEU B 34 -22.52 12.91 10.17
N TYR B 35 -21.21 12.90 10.36
CA TYR B 35 -20.33 13.86 9.68
C TYR B 35 -19.10 13.08 9.25
N ARG B 36 -18.84 12.94 7.93
CA ARG B 36 -17.80 12.04 7.42
C ARG B 36 -18.07 10.62 8.00
N GLY B 37 -19.34 10.21 8.07
CA GLY B 37 -19.74 8.97 8.79
C GLY B 37 -19.27 7.72 8.09
N ASP B 38 -19.00 7.80 6.78
CA ASP B 38 -18.61 6.62 5.98
C ASP B 38 -17.13 6.65 5.61
N GLU B 39 -16.41 7.67 6.06
CA GLU B 39 -14.95 7.74 5.81
C GLU B 39 -14.22 6.83 6.81
N ARG B 40 -13.14 6.18 6.40
CA ARG B 40 -12.23 5.44 7.30
C ARG B 40 -11.36 6.39 8.15
N PHE B 41 -11.20 6.06 9.43
CA PHE B 41 -10.36 6.77 10.42
C PHE B 41 -9.52 5.72 11.13
N PRO B 42 -8.27 6.01 11.50
CA PRO B 42 -7.46 5.16 12.35
C PRO B 42 -8.11 5.08 13.74
N MET B 43 -8.44 3.87 14.17
CA MET B 43 -9.13 3.64 15.46
C MET B 43 -8.20 3.92 16.65
N CYS B 44 -6.91 3.64 16.51
CA CYS B 44 -5.98 3.67 17.65
C CYS B 44 -6.64 2.88 18.80
N SER B 45 -6.46 3.30 20.04
CA SER B 45 -6.89 2.48 21.20
C SER B 45 -8.42 2.32 21.32
N THR B 46 -9.27 2.96 20.53
CA THR B 46 -10.72 2.65 20.52
C THR B 46 -10.96 1.20 20.09
N SER B 47 -10.03 0.60 19.35
CA SER B 47 -10.03 -0.81 18.95
C SER B 47 -10.00 -1.74 20.16
N LYS B 48 -9.61 -1.27 21.33
CA LYS B 48 -9.50 -2.13 22.55
C LYS B 48 -10.89 -2.59 22.97
N VAL B 49 -11.93 -1.85 22.59
CA VAL B 49 -13.33 -2.25 22.90
C VAL B 49 -13.65 -3.55 22.16
N MET B 50 -13.26 -3.64 20.89
N MET B 50 -13.32 -3.63 20.86
CA MET B 50 -13.56 -4.81 20.04
CA MET B 50 -13.59 -4.85 20.07
C MET B 50 -12.75 -6.03 20.52
C MET B 50 -12.78 -6.03 20.64
N ALA B 51 -11.53 -5.83 21.02
CA ALA B 51 -10.71 -6.93 21.53
C ALA B 51 -11.28 -7.41 22.85
N ALA B 52 -11.65 -6.50 23.75
CA ALA B 52 -12.17 -6.94 25.07
C ALA B 52 -13.51 -7.65 24.86
N ALA B 53 -14.37 -7.14 23.98
CA ALA B 53 -15.67 -7.76 23.65
C ALA B 53 -15.47 -9.19 23.12
N ALA B 54 -14.47 -9.38 22.27
CA ALA B 54 -14.22 -10.67 21.61
C ALA B 54 -13.82 -11.69 22.68
N VAL B 55 -12.97 -11.29 23.63
CA VAL B 55 -12.59 -12.19 24.77
C VAL B 55 -13.85 -12.44 25.64
N LEU B 56 -14.70 -11.45 25.88
CA LEU B 56 -15.96 -11.70 26.62
C LEU B 56 -16.81 -12.73 25.89
N LYS B 57 -16.86 -12.63 24.56
CA LYS B 57 -17.67 -13.60 23.76
C LYS B 57 -17.05 -14.99 23.90
N GLN B 58 -15.73 -15.10 23.94
CA GLN B 58 -15.06 -16.41 24.13
C GLN B 58 -15.46 -16.95 25.50
N SER B 59 -15.56 -16.09 26.51
CA SER B 59 -15.83 -16.55 27.91
C SER B 59 -17.29 -17.04 28.04
N GLU B 60 -18.14 -16.84 27.05
CA GLU B 60 -19.56 -17.33 27.06
C GLU B 60 -19.56 -18.86 26.97
N THR B 61 -18.57 -19.47 26.32
CA THR B 61 -18.46 -20.96 26.17
C THR B 61 -17.24 -21.55 26.89
N GLN B 62 -16.14 -20.81 27.05
CA GLN B 62 -14.98 -21.18 27.91
C GLN B 62 -15.21 -20.50 29.27
N LYS B 63 -15.90 -21.18 30.19
CA LYS B 63 -16.58 -20.52 31.33
C LYS B 63 -15.59 -19.95 32.36
N GLN B 64 -14.36 -20.47 32.44
N GLN B 64 -14.39 -20.52 32.47
CA GLN B 64 -13.34 -20.01 33.42
CA GLN B 64 -13.32 -20.04 33.38
C GLN B 64 -12.31 -19.10 32.73
C GLN B 64 -12.20 -19.39 32.57
N LEU B 65 -12.52 -18.74 31.45
CA LEU B 65 -11.47 -18.08 30.66
C LEU B 65 -11.03 -16.77 31.33
N LEU B 66 -11.95 -15.98 31.82
CA LEU B 66 -11.58 -14.63 32.34
C LEU B 66 -10.67 -14.73 33.55
N ASN B 67 -10.60 -15.86 34.25
CA ASN B 67 -9.73 -15.98 35.45
C ASN B 67 -8.44 -16.72 35.10
N GLN B 68 -8.20 -17.02 33.82
CA GLN B 68 -6.95 -17.64 33.31
C GLN B 68 -5.74 -16.73 33.56
N PRO B 69 -4.70 -17.17 34.30
CA PRO B 69 -3.46 -16.41 34.42
C PRO B 69 -2.76 -16.33 33.06
N VAL B 70 -2.23 -15.14 32.74
CA VAL B 70 -1.38 -14.91 31.56
C VAL B 70 -0.04 -14.37 32.04
N GLU B 71 1.04 -14.99 31.57
CA GLU B 71 2.43 -14.54 31.85
C GLU B 71 2.68 -13.15 31.26
N ILE B 72 3.22 -12.25 32.06
CA ILE B 72 3.72 -10.94 31.59
C ILE B 72 5.24 -10.99 31.68
N LYS B 73 5.92 -11.00 30.52
N LYS B 73 5.93 -11.03 30.53
CA LYS B 73 7.41 -11.04 30.41
CA LYS B 73 7.40 -11.05 30.44
C LYS B 73 7.95 -9.65 30.17
C LYS B 73 7.91 -9.62 30.28
N PRO B 74 9.18 -9.35 30.63
CA PRO B 74 9.77 -8.04 30.33
C PRO B 74 9.74 -7.67 28.84
N ALA B 75 9.99 -8.67 27.99
CA ALA B 75 9.97 -8.53 26.52
C ALA B 75 8.58 -8.09 26.01
N ASP B 76 7.54 -8.31 26.80
CA ASP B 76 6.14 -8.01 26.38
C ASP B 76 5.81 -6.51 26.55
N LEU B 77 6.56 -5.77 27.34
CA LEU B 77 6.25 -4.34 27.55
C LEU B 77 6.55 -3.57 26.27
N VAL B 78 5.66 -2.67 25.90
CA VAL B 78 5.79 -1.84 24.67
C VAL B 78 5.88 -0.39 25.15
N ASN B 79 5.15 0.55 24.57
CA ASN B 79 5.43 1.99 24.77
C ASN B 79 4.67 2.58 25.96
N TYR B 80 3.53 2.01 26.36
CA TYR B 80 2.66 2.55 27.43
C TYR B 80 1.96 1.36 28.09
N ASN B 81 2.35 1.04 29.32
N ASN B 81 2.37 1.00 29.30
CA ASN B 81 1.98 -0.22 30.01
CA ASN B 81 1.86 -0.22 29.98
C ASN B 81 1.81 0.04 31.50
C ASN B 81 1.83 0.08 31.47
N PRO B 82 0.97 1.03 31.89
CA PRO B 82 0.93 1.45 33.29
C PRO B 82 0.55 0.32 34.26
N ILE B 83 -0.26 -0.64 33.82
CA ILE B 83 -0.66 -1.77 34.70
C ILE B 83 0.28 -2.95 34.53
N ALA B 84 0.52 -3.37 33.30
CA ALA B 84 1.31 -4.59 33.04
C ALA B 84 2.73 -4.48 33.65
N GLU B 85 3.26 -3.25 33.74
N GLU B 85 3.34 -3.30 33.61
CA GLU B 85 4.60 -2.97 34.33
CA GLU B 85 4.76 -3.18 34.05
C GLU B 85 4.64 -3.42 35.80
C GLU B 85 4.84 -3.68 35.50
N LYS B 86 3.53 -3.38 36.53
N LYS B 86 3.79 -3.44 36.31
CA LYS B 86 3.54 -3.82 37.94
CA LYS B 86 3.75 -3.80 37.75
C LYS B 86 3.63 -5.35 37.99
C LYS B 86 3.72 -5.32 37.93
N HIS B 87 3.33 -6.08 36.90
CA HIS B 87 3.13 -7.55 36.94
C HIS B 87 4.13 -8.32 36.07
N VAL B 88 5.18 -7.63 35.62
N VAL B 88 5.17 -7.64 35.59
CA VAL B 88 6.29 -8.27 34.85
CA VAL B 88 6.30 -8.26 34.85
C VAL B 88 6.95 -9.35 35.72
C VAL B 88 6.89 -9.38 35.73
N ASN B 89 7.32 -10.47 35.10
CA ASN B 89 7.78 -11.69 35.80
C ASN B 89 6.68 -12.21 36.71
N GLY B 90 5.42 -11.93 36.35
CA GLY B 90 4.22 -12.36 37.06
C GLY B 90 3.13 -12.69 36.04
N THR B 91 1.90 -12.62 36.50
CA THR B 91 0.69 -12.99 35.71
C THR B 91 -0.40 -11.98 36.00
N MET B 92 -1.26 -11.80 35.00
CA MET B 92 -2.54 -11.09 35.17
C MET B 92 -3.58 -12.01 34.55
N THR B 93 -4.83 -11.88 34.96
CA THR B 93 -5.93 -12.67 34.38
C THR B 93 -6.41 -11.95 33.12
N LEU B 94 -7.17 -12.64 32.29
CA LEU B 94 -7.77 -11.97 31.11
C LEU B 94 -8.78 -10.89 31.54
N ALA B 95 -9.48 -11.01 32.68
CA ALA B 95 -10.34 -9.94 33.21
C ALA B 95 -9.47 -8.74 33.55
N GLU B 96 -8.36 -8.97 34.23
CA GLU B 96 -7.46 -7.86 34.66
C GLU B 96 -6.89 -7.16 33.41
N LEU B 97 -6.47 -7.93 32.43
CA LEU B 97 -5.95 -7.37 31.16
C LEU B 97 -7.05 -6.57 30.45
N SER B 98 -8.30 -7.06 30.41
CA SER B 98 -9.41 -6.34 29.73
C SER B 98 -9.63 -5.00 30.43
N ALA B 99 -9.72 -4.98 31.77
CA ALA B 99 -9.89 -3.72 32.53
C ALA B 99 -8.69 -2.80 32.28
N ALA B 100 -7.47 -3.33 32.30
CA ALA B 100 -6.24 -2.52 32.09
C ALA B 100 -6.27 -1.93 30.68
N ALA B 101 -6.61 -2.73 29.68
CA ALA B 101 -6.72 -2.21 28.30
C ALA B 101 -7.79 -1.11 28.24
N LEU B 102 -8.99 -1.38 28.74
CA LEU B 102 -10.12 -0.45 28.54
C LEU B 102 -9.98 0.80 29.42
N GLN B 103 -9.58 0.65 30.69
CA GLN B 103 -9.72 1.74 31.66
C GLN B 103 -8.42 2.54 31.77
N TYR B 104 -7.29 2.02 31.32
CA TYR B 104 -5.97 2.67 31.47
C TYR B 104 -5.28 2.79 30.10
N SER B 105 -5.85 2.22 29.06
CA SER B 105 -5.26 2.15 27.68
C SER B 105 -3.90 1.47 27.71
N ASP B 106 -3.74 0.42 28.51
CA ASP B 106 -2.48 -0.35 28.62
C ASP B 106 -2.27 -1.15 27.32
N ASN B 107 -1.18 -0.92 26.62
CA ASN B 107 -0.95 -1.52 25.28
C ASN B 107 -0.42 -2.93 25.41
N THR B 108 0.28 -3.24 26.49
CA THR B 108 0.68 -4.65 26.72
C THR B 108 -0.58 -5.48 26.94
N ALA B 109 -1.52 -4.96 27.74
CA ALA B 109 -2.79 -5.64 28.01
C ALA B 109 -3.50 -5.90 26.69
N MET B 110 -3.59 -4.91 25.82
CA MET B 110 -4.27 -5.09 24.51
C MET B 110 -3.58 -6.19 23.71
N ASN B 111 -2.26 -6.30 23.79
CA ASN B 111 -1.54 -7.32 22.99
C ASN B 111 -1.83 -8.71 23.56
N LYS B 112 -2.06 -8.83 24.85
CA LYS B 112 -2.44 -10.15 25.42
C LYS B 112 -3.85 -10.53 24.96
N LEU B 113 -4.78 -9.57 24.87
CA LEU B 113 -6.14 -9.81 24.34
C LEU B 113 -6.02 -10.30 22.90
N ILE B 114 -5.27 -9.55 22.08
CA ILE B 114 -5.09 -9.94 20.65
C ILE B 114 -4.51 -11.35 20.57
N ALA B 115 -3.51 -11.67 21.37
CA ALA B 115 -2.87 -13.01 21.34
C ALA B 115 -3.88 -14.09 21.74
N GLN B 116 -4.71 -13.83 22.76
CA GLN B 116 -5.76 -14.80 23.15
C GLN B 116 -6.68 -15.05 21.96
N LEU B 117 -6.90 -14.07 21.09
CA LEU B 117 -7.84 -14.20 19.94
C LEU B 117 -7.13 -14.76 18.69
N GLY B 118 -5.84 -15.11 18.80
CA GLY B 118 -5.04 -15.69 17.71
C GLY B 118 -4.50 -14.68 16.73
N GLY B 119 -4.37 -13.42 17.12
CA GLY B 119 -3.80 -12.34 16.31
C GLY B 119 -4.86 -11.33 15.90
N PRO B 120 -4.45 -10.17 15.36
CA PRO B 120 -5.37 -9.12 14.93
C PRO B 120 -6.57 -9.67 14.14
N GLY B 121 -6.34 -10.65 13.27
CA GLY B 121 -7.42 -11.32 12.52
C GLY B 121 -8.53 -11.88 13.37
N GLY B 122 -8.21 -12.39 14.56
CA GLY B 122 -9.17 -12.87 15.56
C GLY B 122 -10.11 -11.76 15.99
N VAL B 123 -9.61 -10.53 16.10
CA VAL B 123 -10.48 -9.40 16.51
C VAL B 123 -11.43 -9.07 15.34
N THR B 124 -10.92 -9.05 14.10
CA THR B 124 -11.72 -8.70 12.93
C THR B 124 -12.77 -9.80 12.73
N ALA B 125 -12.39 -11.05 13.00
CA ALA B 125 -13.30 -12.20 12.85
C ALA B 125 -14.49 -11.98 13.79
N PHE B 126 -14.21 -11.51 14.99
CA PHE B 126 -15.29 -11.27 15.95
C PHE B 126 -16.20 -10.16 15.43
N ALA B 127 -15.60 -9.08 14.94
CA ALA B 127 -16.38 -7.97 14.33
C ALA B 127 -17.30 -8.54 13.23
N ARG B 128 -16.80 -9.43 12.40
CA ARG B 128 -17.63 -10.02 11.32
C ARG B 128 -18.76 -10.88 11.93
N ALA B 129 -18.48 -11.59 13.01
CA ALA B 129 -19.52 -12.47 13.65
C ALA B 129 -20.68 -11.64 14.18
N ILE B 130 -20.46 -10.38 14.58
CA ILE B 130 -21.50 -9.52 15.21
C ILE B 130 -22.03 -8.52 14.19
N GLY B 131 -21.71 -8.72 12.91
CA GLY B 131 -22.33 -8.02 11.77
C GLY B 131 -21.64 -6.72 11.42
N ASP B 132 -20.40 -6.52 11.87
CA ASP B 132 -19.59 -5.35 11.47
C ASP B 132 -18.65 -5.78 10.35
N GLU B 133 -18.99 -5.34 9.13
N GLU B 133 -18.95 -5.36 9.12
CA GLU B 133 -18.29 -5.70 7.86
CA GLU B 133 -18.18 -5.77 7.91
C GLU B 133 -17.26 -4.62 7.50
C GLU B 133 -17.06 -4.75 7.65
N THR B 134 -17.06 -3.63 8.38
CA THR B 134 -16.20 -2.45 8.10
C THR B 134 -14.91 -2.48 8.90
N PHE B 135 -15.02 -2.73 10.20
CA PHE B 135 -13.86 -2.80 11.12
C PHE B 135 -12.78 -3.71 10.57
N ARG B 136 -11.53 -3.28 10.69
CA ARG B 136 -10.40 -4.21 10.49
C ARG B 136 -9.27 -3.88 11.47
N LEU B 137 -8.83 -4.91 12.18
CA LEU B 137 -7.58 -4.81 12.94
C LEU B 137 -6.51 -5.63 12.21
N ASP B 138 -5.33 -5.01 12.09
CA ASP B 138 -4.25 -5.52 11.22
C ASP B 138 -2.96 -5.76 12.00
N ARG B 139 -2.75 -4.97 13.05
CA ARG B 139 -1.48 -4.93 13.77
C ARG B 139 -1.71 -4.95 15.29
N THR B 140 -0.64 -5.27 15.99
CA THR B 140 -0.55 -5.19 17.47
C THR B 140 -0.22 -3.75 17.85
N ALA B 141 -0.36 -3.43 19.13
CA ALA B 141 0.13 -2.15 19.68
C ALA B 141 1.65 -2.22 19.90
N PRO B 142 2.39 -1.12 19.65
CA PRO B 142 1.81 0.18 19.26
C PRO B 142 1.68 0.49 17.74
N THR B 143 2.00 -0.44 16.83
CA THR B 143 2.08 -0.08 15.38
C THR B 143 0.67 0.15 14.83
N LEU B 144 -0.40 -0.33 15.49
CA LEU B 144 -1.78 -0.04 15.04
C LEU B 144 -2.12 1.46 15.16
N ASN B 145 -1.28 2.27 15.80
CA ASN B 145 -1.45 3.72 16.03
C ASN B 145 -0.71 4.61 15.01
N THR B 146 -0.18 4.05 13.93
CA THR B 146 0.64 4.85 12.97
C THR B 146 -0.23 5.91 12.28
N ALA B 147 -1.51 5.60 12.04
CA ALA B 147 -2.51 6.57 11.57
C ALA B 147 -2.06 7.27 10.27
N ILE B 148 -1.38 6.55 9.38
CA ILE B 148 -0.93 7.13 8.08
C ILE B 148 -2.12 7.50 7.21
N PRO B 149 -2.20 8.74 6.69
CA PRO B 149 -3.28 9.15 5.81
C PRO B 149 -3.41 8.20 4.61
N GLY B 150 -4.62 7.69 4.38
CA GLY B 150 -4.94 6.78 3.26
C GLY B 150 -4.74 5.31 3.56
N ASP B 151 -4.06 4.97 4.65
CA ASP B 151 -3.78 3.57 5.04
C ASP B 151 -5.08 2.96 5.59
N PRO B 152 -5.63 1.88 5.01
CA PRO B 152 -6.84 1.27 5.54
C PRO B 152 -6.60 0.37 6.76
N ARG B 153 -5.36 0.03 7.06
CA ARG B 153 -5.10 -0.86 8.21
C ARG B 153 -5.60 -0.22 9.52
N ASP B 154 -6.27 -1.03 10.34
CA ASP B 154 -6.65 -0.62 11.73
C ASP B 154 -7.58 0.59 11.67
N THR B 155 -8.53 0.53 10.73
CA THR B 155 -9.51 1.61 10.55
C THR B 155 -10.93 1.06 10.64
N THR B 156 -11.86 1.96 10.86
CA THR B 156 -13.29 1.73 10.69
C THR B 156 -13.91 3.05 10.32
N THR B 157 -15.22 3.08 10.12
CA THR B 157 -15.95 4.33 9.86
C THR B 157 -16.73 4.72 11.10
N PRO B 158 -17.01 6.02 11.32
CA PRO B 158 -17.83 6.40 12.48
C PRO B 158 -19.19 5.72 12.49
N ARG B 159 -19.84 5.62 11.36
CA ARG B 159 -21.15 4.96 11.27
C ARG B 159 -21.10 3.49 11.70
N ALA B 160 -20.05 2.77 11.27
CA ALA B 160 -19.89 1.35 11.61
C ALA B 160 -19.59 1.22 13.10
N MET B 161 -18.69 2.04 13.60
N MET B 161 -18.71 2.06 13.66
CA MET B 161 -18.27 1.90 15.01
CA MET B 161 -18.27 1.85 15.07
C MET B 161 -19.45 2.23 15.93
C MET B 161 -19.33 2.36 16.06
N ALA B 162 -20.25 3.25 15.63
CA ALA B 162 -21.41 3.63 16.47
C ALA B 162 -22.38 2.43 16.50
N GLN B 163 -22.66 1.83 15.35
CA GLN B 163 -23.62 0.70 15.22
C GLN B 163 -23.08 -0.45 16.06
N THR B 164 -21.81 -0.78 15.93
CA THR B 164 -21.21 -1.89 16.71
C THR B 164 -21.25 -1.55 18.21
N LEU B 165 -20.84 -0.36 18.61
CA LEU B 165 -20.84 -0.01 20.04
C LEU B 165 -22.25 -0.14 20.59
N ARG B 166 -23.26 0.26 19.82
CA ARG B 166 -24.67 0.09 20.25
C ARG B 166 -24.97 -1.42 20.47
N GLN B 167 -24.60 -2.29 19.53
N GLN B 167 -24.63 -2.25 19.48
CA GLN B 167 -24.95 -3.73 19.62
CA GLN B 167 -24.86 -3.73 19.54
C GLN B 167 -24.16 -4.42 20.76
C GLN B 167 -24.22 -4.29 20.83
N LEU B 168 -22.97 -3.94 21.10
CA LEU B 168 -22.17 -4.54 22.20
C LEU B 168 -22.70 -4.08 23.55
N THR B 169 -23.08 -2.82 23.68
CA THR B 169 -23.37 -2.22 25.01
C THR B 169 -24.86 -2.17 25.32
N LEU B 170 -25.73 -2.10 24.31
CA LEU B 170 -27.19 -1.92 24.49
C LEU B 170 -27.96 -3.05 23.80
N GLY B 171 -27.34 -3.79 22.91
CA GLY B 171 -28.04 -4.83 22.12
C GLY B 171 -27.61 -6.21 22.56
N HIS B 172 -27.56 -7.18 21.65
CA HIS B 172 -27.46 -8.61 22.02
C HIS B 172 -26.29 -9.30 21.32
N ALA B 173 -25.26 -8.54 21.01
CA ALA B 173 -24.03 -9.07 20.42
C ALA B 173 -23.38 -9.99 21.46
N LEU B 174 -23.50 -9.64 22.73
CA LEU B 174 -22.94 -10.38 23.85
C LEU B 174 -24.04 -10.91 24.75
N GLY B 175 -23.70 -11.91 25.53
CA GLY B 175 -24.63 -12.45 26.45
C GLY B 175 -24.98 -11.42 27.56
N GLU B 176 -26.07 -11.43 28.28
N GLU B 176 -26.06 -11.42 28.29
CA GLU B 176 -26.36 -10.39 29.24
CA GLU B 176 -26.35 -10.34 29.23
C GLU B 176 -25.25 -10.08 30.28
C GLU B 176 -25.26 -10.05 30.28
N THR B 177 -24.61 -11.10 30.87
N THR B 177 -24.63 -11.07 30.86
CA THR B 177 -23.59 -10.86 31.88
CA THR B 177 -23.64 -10.80 31.90
C THR B 177 -22.38 -10.18 31.28
C THR B 177 -22.38 -10.19 31.29
N GLN B 178 -22.10 -10.56 30.05
CA GLN B 178 -20.87 -10.08 29.33
C GLN B 178 -21.11 -8.64 28.90
N ARG B 179 -22.34 -8.34 28.48
N ARG B 179 -22.34 -8.34 28.46
CA ARG B 179 -22.70 -6.95 28.11
CA ARG B 179 -22.75 -6.95 28.09
C ARG B 179 -22.56 -6.07 29.35
C ARG B 179 -22.60 -6.06 29.32
N ALA B 180 -23.08 -6.51 30.50
CA ALA B 180 -23.03 -5.72 31.73
C ALA B 180 -21.57 -5.51 32.13
N GLN B 181 -20.73 -6.52 31.96
CA GLN B 181 -19.28 -6.42 32.27
C GLN B 181 -18.63 -5.36 31.37
N LEU B 182 -18.92 -5.38 30.08
CA LEU B 182 -18.26 -4.41 29.17
C LEU B 182 -18.69 -3.01 29.57
N VAL B 183 -19.98 -2.85 29.87
CA VAL B 183 -20.49 -1.50 30.23
C VAL B 183 -19.88 -1.06 31.56
N THR B 184 -19.71 -1.97 32.52
CA THR B 184 -19.05 -1.65 33.81
C THR B 184 -17.64 -1.15 33.53
N TRP B 185 -16.93 -1.86 32.68
CA TRP B 185 -15.54 -1.47 32.34
C TRP B 185 -15.53 -0.05 31.71
N LEU B 186 -16.34 0.18 30.71
CA LEU B 186 -16.39 1.48 30.00
C LEU B 186 -16.76 2.63 30.95
N LYS B 187 -17.70 2.41 31.87
CA LYS B 187 -18.12 3.43 32.84
C LYS B 187 -16.97 3.76 33.80
N GLY B 188 -16.03 2.83 33.99
CA GLY B 188 -14.85 3.02 34.85
C GLY B 188 -13.63 3.55 34.17
N ASN B 189 -13.76 3.97 32.91
CA ASN B 189 -12.61 4.53 32.19
C ASN B 189 -11.99 5.71 32.97
N THR B 190 -10.66 5.74 33.06
CA THR B 190 -9.93 6.83 33.73
C THR B 190 -9.58 7.95 32.76
N THR B 191 -9.62 7.72 31.45
CA THR B 191 -8.92 8.57 30.46
C THR B 191 -9.85 9.55 29.76
N GLY B 192 -11.13 9.62 30.13
CA GLY B 192 -12.18 10.17 29.26
C GLY B 192 -12.60 11.60 29.55
N ALA B 193 -12.21 12.18 30.69
CA ALA B 193 -12.83 13.44 31.16
C ALA B 193 -12.61 14.65 30.24
N ALA B 194 -11.59 14.66 29.37
CA ALA B 194 -11.30 15.82 28.48
C ALA B 194 -11.94 15.62 27.10
N SER B 195 -12.55 14.47 26.81
CA SER B 195 -13.00 14.13 25.43
C SER B 195 -14.51 14.35 25.33
N ILE B 196 -15.28 13.36 24.89
CA ILE B 196 -16.75 13.50 24.70
C ILE B 196 -17.36 14.04 26.00
N ARG B 197 -16.97 13.47 27.14
N ARG B 197 -16.99 13.48 27.16
CA ARG B 197 -17.56 13.83 28.46
CA ARG B 197 -17.64 13.84 28.45
C ARG B 197 -17.47 15.34 28.68
C ARG B 197 -17.48 15.34 28.73
N ALA B 198 -16.36 15.96 28.34
CA ALA B 198 -16.16 17.41 28.57
C ALA B 198 -17.22 18.24 27.83
N GLY B 199 -17.81 17.73 26.74
CA GLY B 199 -18.83 18.44 25.95
C GLY B 199 -20.26 18.24 26.42
N LEU B 200 -20.48 17.38 27.41
CA LEU B 200 -21.84 16.94 27.80
C LEU B 200 -22.17 17.51 29.18
N PRO B 201 -23.47 17.70 29.50
CA PRO B 201 -23.87 18.05 30.87
C PRO B 201 -23.27 17.09 31.90
N THR B 202 -22.79 17.64 33.00
CA THR B 202 -22.03 16.92 34.06
C THR B 202 -22.91 15.86 34.68
N SER B 203 -24.24 16.04 34.61
CA SER B 203 -25.23 15.12 35.23
C SER B 203 -25.31 13.82 34.44
N TRP B 204 -24.88 13.79 33.17
CA TRP B 204 -25.06 12.62 32.29
C TRP B 204 -24.04 11.54 32.63
N THR B 205 -24.41 10.27 32.56
CA THR B 205 -23.48 9.14 32.83
C THR B 205 -22.82 8.71 31.51
N VAL B 206 -21.50 8.54 31.52
CA VAL B 206 -20.77 8.17 30.27
C VAL B 206 -19.90 6.93 30.55
N GLY B 207 -19.84 6.04 29.57
CA GLY B 207 -18.75 5.06 29.50
C GLY B 207 -18.10 5.23 28.15
N ASP B 208 -16.78 5.25 28.09
CA ASP B 208 -16.12 5.65 26.83
C ASP B 208 -14.77 4.97 26.76
N LYS B 209 -14.19 4.91 25.55
CA LYS B 209 -12.80 4.47 25.33
C LYS B 209 -12.18 5.51 24.41
N THR B 210 -11.11 6.13 24.86
CA THR B 210 -10.34 7.11 24.06
C THR B 210 -9.35 6.38 23.14
N GLY B 211 -8.77 7.14 22.21
CA GLY B 211 -7.63 6.65 21.43
C GLY B 211 -6.73 7.79 21.02
N SER B 212 -5.45 7.54 20.86
CA SER B 212 -4.53 8.53 20.35
C SER B 212 -3.46 7.86 19.53
N GLY B 213 -2.93 8.59 18.58
CA GLY B 213 -1.85 8.04 17.78
C GLY B 213 -1.10 9.12 17.04
N ASP B 214 -0.32 8.72 16.04
CA ASP B 214 0.37 9.72 15.21
C ASP B 214 -0.62 10.55 14.41
N TYR B 215 -0.13 11.59 13.76
CA TYR B 215 -0.93 12.48 12.97
C TYR B 215 -1.95 13.16 13.88
N GLY B 216 -1.55 13.35 15.14
CA GLY B 216 -2.40 14.03 16.13
C GLY B 216 -3.75 13.36 16.26
N THR B 217 -3.81 12.06 16.04
CA THR B 217 -5.09 11.31 16.02
C THR B 217 -5.63 11.33 17.45
N THR B 218 -6.88 11.69 17.60
CA THR B 218 -7.51 11.92 18.92
C THR B 218 -8.93 11.43 18.79
N ASN B 219 -9.26 10.32 19.44
CA ASN B 219 -10.56 9.65 19.23
C ASN B 219 -11.30 9.44 20.56
N ASP B 220 -12.60 9.20 20.50
CA ASP B 220 -13.38 8.77 21.68
C ASP B 220 -14.65 8.12 21.18
N ILE B 221 -14.97 6.99 21.79
CA ILE B 221 -16.26 6.29 21.47
C ILE B 221 -16.98 6.12 22.80
N ALA B 222 -18.25 6.46 22.83
CA ALA B 222 -18.97 6.58 24.11
C ALA B 222 -20.38 6.04 24.01
N VAL B 223 -20.83 5.43 25.10
N VAL B 223 -20.86 5.50 25.13
CA VAL B 223 -22.29 5.26 25.33
CA VAL B 223 -22.30 5.19 25.37
C VAL B 223 -22.68 6.19 26.47
C VAL B 223 -22.75 6.08 26.52
N ILE B 224 -23.80 6.87 26.29
CA ILE B 224 -24.17 8.02 27.13
C ILE B 224 -25.58 7.74 27.63
N TRP B 225 -25.80 7.94 28.93
CA TRP B 225 -27.13 7.97 29.57
C TRP B 225 -27.45 9.38 30.05
N PRO B 226 -28.13 10.17 29.20
CA PRO B 226 -28.46 11.52 29.61
C PRO B 226 -29.49 11.45 30.68
N GLN B 227 -29.64 12.53 31.42
CA GLN B 227 -30.60 12.51 32.48
C GLN B 227 -32.02 12.41 32.02
N GLY B 228 -32.67 11.34 32.44
CA GLY B 228 -34.09 11.07 32.18
C GLY B 228 -34.41 10.64 30.75
N ARG B 229 -33.42 10.27 29.94
CA ARG B 229 -33.66 9.93 28.50
C ARG B 229 -32.98 8.61 28.12
N ALA B 230 -33.44 8.02 27.02
CA ALA B 230 -32.88 6.78 26.42
C ALA B 230 -31.42 7.07 26.05
N PRO B 231 -30.53 6.05 26.12
CA PRO B 231 -29.11 6.26 25.88
C PRO B 231 -28.76 6.69 24.44
N LEU B 232 -27.60 7.34 24.34
CA LEU B 232 -26.97 7.74 23.05
C LEU B 232 -25.72 6.89 22.85
N VAL B 233 -25.36 6.69 21.59
CA VAL B 233 -24.02 6.18 21.21
C VAL B 233 -23.36 7.29 20.43
N LEU B 234 -22.13 7.69 20.80
CA LEU B 234 -21.44 8.77 20.04
C LEU B 234 -20.01 8.35 19.79
N VAL B 235 -19.61 8.43 18.51
N VAL B 235 -19.56 8.43 18.53
CA VAL B 235 -18.21 8.25 18.02
CA VAL B 235 -18.13 8.21 18.22
C VAL B 235 -17.72 9.62 17.55
C VAL B 235 -17.61 9.43 17.48
N THR B 236 -16.52 9.99 18.01
CA THR B 236 -15.78 11.18 17.52
C THR B 236 -14.34 10.73 17.19
N TYR B 237 -13.97 10.85 15.92
N TYR B 237 -13.97 10.70 15.92
CA TYR B 237 -12.65 10.51 15.38
CA TYR B 237 -12.57 10.51 15.50
C TYR B 237 -12.03 11.78 14.80
C TYR B 237 -12.06 11.85 14.99
N PHE B 238 -10.75 12.03 15.08
CA PHE B 238 -10.10 13.28 14.63
C PHE B 238 -8.67 12.93 14.28
N THR B 239 -8.23 13.37 13.10
CA THR B 239 -6.82 13.15 12.68
C THR B 239 -6.36 14.38 11.88
N GLN B 240 -5.05 14.58 11.84
CA GLN B 240 -4.45 15.87 11.42
C GLN B 240 -3.44 15.61 10.33
N PRO B 241 -3.06 16.64 9.55
CA PRO B 241 -2.11 16.41 8.46
C PRO B 241 -0.63 16.16 8.79
N GLN B 242 -0.16 16.65 9.95
N GLN B 242 -0.12 16.67 9.93
CA GLN B 242 1.26 16.55 10.35
CA GLN B 242 1.32 16.57 10.27
C GLN B 242 1.46 15.26 11.15
C GLN B 242 1.55 15.36 11.20
N GLN B 243 2.46 14.46 10.84
CA GLN B 243 2.73 13.23 11.63
C GLN B 243 2.91 13.54 13.13
N ASN B 244 3.55 14.67 13.44
N ASN B 244 3.57 14.63 13.48
CA ASN B 244 3.98 15.04 14.82
CA ASN B 244 3.90 14.90 14.91
C ASN B 244 2.92 15.90 15.52
C ASN B 244 2.97 16.02 15.42
N ALA B 245 1.70 16.04 14.98
CA ALA B 245 0.66 16.96 15.48
C ALA B 245 0.32 16.68 16.95
N GLU B 246 -0.05 17.73 17.68
N GLU B 246 0.00 17.70 17.74
CA GLU B 246 -0.55 17.70 19.08
CA GLU B 246 -0.40 17.51 19.16
C GLU B 246 -1.91 16.98 19.15
C GLU B 246 -1.87 17.09 19.24
N SER B 247 -2.20 16.30 20.27
CA SER B 247 -3.57 15.83 20.57
C SER B 247 -4.57 16.98 20.66
N ARG B 248 -5.82 16.77 20.28
CA ARG B 248 -6.86 17.84 20.31
C ARG B 248 -8.13 17.28 20.95
N ARG B 249 -8.03 16.88 22.22
CA ARG B 249 -9.21 16.35 22.91
C ARG B 249 -10.31 17.41 22.96
N ASP B 250 -9.97 18.71 22.94
CA ASP B 250 -10.95 19.83 22.92
C ASP B 250 -11.83 19.76 21.66
N VAL B 251 -11.31 19.25 20.56
CA VAL B 251 -12.11 19.08 19.31
C VAL B 251 -13.21 18.03 19.56
N LEU B 252 -12.88 16.96 20.26
CA LEU B 252 -13.91 15.94 20.52
C LEU B 252 -14.98 16.53 21.45
N ALA B 253 -14.57 17.26 22.48
CA ALA B 253 -15.50 17.90 23.44
C ALA B 253 -16.38 18.89 22.69
N SER B 254 -15.82 19.63 21.75
CA SER B 254 -16.58 20.64 20.98
C SER B 254 -17.61 19.94 20.09
N ALA B 255 -17.24 18.79 19.50
CA ALA B 255 -18.16 17.99 18.65
C ALA B 255 -19.33 17.45 19.49
N ALA B 256 -19.05 16.93 20.70
CA ALA B 256 -20.04 16.41 21.66
C ALA B 256 -20.95 17.55 22.10
N ARG B 257 -20.39 18.75 22.32
CA ARG B 257 -21.18 19.93 22.80
C ARG B 257 -22.18 20.33 21.70
N ILE B 258 -21.74 20.42 20.45
CA ILE B 258 -22.63 20.66 19.28
C ILE B 258 -23.71 19.57 19.22
N ILE B 259 -23.35 18.30 19.36
CA ILE B 259 -24.32 17.17 19.31
C ILE B 259 -25.32 17.31 20.47
N ALA B 260 -24.86 17.67 21.68
CA ALA B 260 -25.75 17.79 22.86
C ALA B 260 -26.77 18.92 22.65
N GLU B 261 -26.32 20.08 22.16
N GLU B 261 -26.32 20.10 22.20
CA GLU B 261 -27.19 21.27 21.99
CA GLU B 261 -27.23 21.26 21.98
C GLU B 261 -28.07 21.10 20.73
C GLU B 261 -28.25 20.87 20.90
N GLY B 262 -27.81 20.07 19.92
CA GLY B 262 -28.63 19.73 18.73
C GLY B 262 -29.82 18.85 19.06
N LEU B 263 -29.78 18.12 20.18
CA LEU B 263 -30.87 17.21 20.60
C LEU B 263 -32.15 18.03 20.67
C11 7G4 C . 10.61 -6.92 -39.15
C12 7G4 C . 11.47 -5.92 -38.74
C13 7G4 C . 12.50 -5.78 -39.67
C14 7G4 C . 12.26 -6.70 -40.67
C15 7G4 C . 11.09 -7.39 -40.36
C16 7G4 C . 14.73 -8.15 -39.10
RU 7G4 C . 12.60 -7.80 -38.82
C17 7G4 C . 14.58 -7.13 -38.16
C18 7G4 C . 13.91 -7.68 -37.05
C19 7G4 C . 13.67 -9.01 -37.31
C20 7G4 C . 14.17 -9.33 -38.58
C11 7G4 D . 18.71 12.54 -28.20
C12 7G4 D . 18.03 13.69 -27.84
C13 7G4 D . 17.06 13.93 -28.79
C14 7G4 D . 17.15 12.92 -29.77
C15 7G4 D . 18.18 12.08 -29.39
C16 7G4 D . 19.47 14.98 -31.68
RU 7G4 D . 19.05 14.08 -29.72
C17 7G4 D . 18.93 15.95 -30.86
C18 7G4 D . 19.79 16.14 -29.78
C19 7G4 D . 20.87 15.27 -29.97
C20 7G4 D . 20.66 14.55 -31.14
C1 TDJ E . 19.29 -12.30 -25.09
C11 TDJ E . 30.19 -12.25 -20.22
C12 TDJ E . 29.82 -11.92 -21.51
C13 TDJ E . 28.64 -12.58 -21.80
C14 TDJ E . 28.28 -13.31 -20.70
C15 TDJ E . 29.23 -13.12 -19.74
C16 TDJ E . 28.04 -9.83 -18.43
C17 TDJ E . 26.95 -10.71 -18.47
C18 TDJ E . 26.25 -10.50 -19.66
C20 TDJ E . 28.02 -9.06 -19.59
C31 TDJ E . 20.52 -8.88 -23.31
C34 TDJ E . 19.83 -9.55 -24.45
O67 TDJ E . 19.28 -8.09 -21.63
C32 TDJ E . 19.76 -7.79 -22.77
S49 TDJ E . 20.53 -11.04 -25.16
C50 TDJ E . 18.33 -12.11 -23.91
C52 TDJ E . 17.87 -13.36 -23.22
C51 TDJ E . 17.87 -10.89 -23.55
C63 TDJ E . 16.56 -10.74 -22.87
O65 TDJ E . 16.32 -11.23 -21.76
O64 TDJ E . 15.66 -10.07 -23.42
N33 TDJ E . 18.51 -9.73 -23.82
N30 TDJ E . 21.35 -9.60 -22.40
C27 TDJ E . 22.59 -10.03 -22.60
O29 TDJ E . 23.25 -9.88 -23.61
C26 TDJ E . 23.13 -10.74 -21.38
C25 TDJ E . 24.61 -11.00 -21.53
C24 TDJ E . 25.05 -11.26 -20.11
O28 TDJ E . 24.48 -12.05 -19.36
RU TDJ E . 28.26 -11.17 -20.16
C19 TDJ E . 26.92 -9.46 -20.33
K K F . 22.07 -14.69 -16.55
C11 7G4 G . -8.09 -3.18 39.90
C12 7G4 G . -8.69 -4.17 39.13
C13 7G4 G . -9.42 -3.56 38.10
C14 7G4 G . -9.27 -2.19 38.26
C15 7G4 G . -8.46 -1.96 39.36
C16 7G4 G . -6.38 -4.54 36.51
RU 7G4 G . -7.30 -3.06 37.86
C17 7G4 G . -5.37 -3.85 37.21
C18 7G4 G . -5.49 -4.10 38.57
C19 7G4 G . -6.57 -4.94 38.74
C20 7G4 G . -7.11 -5.21 37.50
C1 TDJ H . -1.93 6.24 25.83
C11 TDJ H . 5.84 4.10 18.70
C12 TDJ H . 5.22 4.95 19.62
C13 TDJ H . 5.42 6.25 19.19
C14 TDJ H . 6.16 6.23 18.00
C15 TDJ H . 6.43 4.91 17.70
C16 TDJ H . 2.97 5.17 15.83
C17 TDJ H . 2.48 6.15 16.70
C18 TDJ H . 2.08 5.54 17.88
C20 TDJ H . 2.84 3.95 16.47
C31 TDJ H . -2.89 4.07 22.60
C34 TDJ H . -3.11 4.22 24.05
O67 TDJ H . -4.53 4.80 21.37
C32 TDJ H . -4.09 3.76 21.90
S49 TDJ H . -1.67 4.72 24.95
C50 TDJ H . -3.07 7.06 25.22
C52 TDJ H . -2.93 8.56 25.34
C51 TDJ H . -4.17 6.46 24.67
C63 TDJ H . -5.49 7.12 24.76
O65 TDJ H . -5.75 8.27 25.13
O64 TDJ H . -6.44 6.39 24.47
N33 TDJ H . -4.20 5.19 24.10
N30 TDJ H . -1.88 4.83 21.95
C27 TDJ H . -0.54 4.78 21.89
O29 TDJ H . 0.17 3.98 22.44
C26 TDJ H . 0.01 5.89 20.98
C25 TDJ H . 1.33 5.48 20.33
C24 TDJ H . 1.54 6.29 19.08
O28 TDJ H . 1.31 7.49 19.03
RU TDJ H . 4.23 5.20 17.66
C19 TDJ H . 2.30 4.17 17.73
K K I . 0.17 11.82 19.00
#